data_8PX6
#
_entry.id   8PX6
#
_cell.length_a   1.00
_cell.length_b   1.00
_cell.length_c   1.00
_cell.angle_alpha   90.00
_cell.angle_beta   90.00
_cell.angle_gamma   90.00
#
_symmetry.space_group_name_H-M   'P 1'
#
loop_
_entity.id
_entity.type
_entity.pdbx_description
1 polymer 'External core antigen'
2 polymer SLLGRM-dimer
#
loop_
_entity_poly.entity_id
_entity_poly.type
_entity_poly.pdbx_seq_one_letter_code
_entity_poly.pdbx_strand_id
1 'polypeptide(L)'
;MDIDPYKEFGATVELLSFLPSDFFPSVRDLLDTASALYREALESPEHCSPHHTALRQAILCWGELMTLATWVGVNLEDPA
SRDLVVSYVNTNMGLKFRQLLWFHISCLTFGRETVIEYLVSFGVWIRTPPAYRPPNAPILSTLPETTVVRRRGRSPRRRT
PSPRRRRSQSPRRRRSQSRESQC
;
B,A,C,D
2 'polypeptide(L)' SLLGRM M,E
#
# COMPACT_ATOMS: atom_id res chain seq x y z
N MET A 1 -0.02 4.54 -36.89
CA MET A 1 1.00 5.60 -36.71
C MET A 1 2.17 5.09 -35.91
N ASP A 2 3.30 5.77 -36.02
CA ASP A 2 4.53 5.40 -35.31
C ASP A 2 4.75 6.42 -34.20
N ILE A 3 4.49 6.00 -32.97
CA ILE A 3 4.56 6.86 -31.80
C ILE A 3 5.79 6.48 -30.98
N ASP A 4 6.53 7.49 -30.55
CA ASP A 4 7.64 7.31 -29.65
C ASP A 4 7.20 7.68 -28.25
N PRO A 5 7.20 6.75 -27.29
CA PRO A 5 6.63 7.06 -25.97
C PRO A 5 7.41 8.06 -25.15
N TYR A 6 8.57 8.53 -25.63
CA TYR A 6 9.38 9.48 -24.89
C TYR A 6 9.54 10.82 -25.59
N LYS A 7 9.32 10.85 -26.92
CA LYS A 7 9.43 12.09 -27.67
C LYS A 7 8.59 13.20 -27.05
N GLU A 8 7.50 12.84 -26.41
CA GLU A 8 6.63 13.81 -25.76
C GLU A 8 7.25 14.37 -24.48
N PHE A 9 8.22 13.68 -23.90
CA PHE A 9 8.87 14.14 -22.68
C PHE A 9 10.27 14.69 -22.93
N GLY A 10 10.85 14.43 -24.09
CA GLY A 10 12.10 15.07 -24.45
C GLY A 10 13.22 14.09 -24.71
N ALA A 11 12.87 12.87 -25.08
CA ALA A 11 13.83 11.80 -25.25
C ALA A 11 13.44 11.01 -26.48
N THR A 12 14.04 9.84 -26.63
CA THR A 12 13.87 9.01 -27.80
C THR A 12 14.11 7.58 -27.40
N VAL A 13 13.83 6.66 -28.33
CA VAL A 13 14.18 5.27 -28.11
C VAL A 13 15.64 5.00 -28.40
N GLU A 14 16.30 5.87 -29.15
CA GLU A 14 17.72 5.73 -29.44
C GLU A 14 18.59 6.36 -28.35
N LEU A 15 18.02 7.21 -27.51
CA LEU A 15 18.73 7.72 -26.34
C LEU A 15 18.69 6.75 -25.18
N LEU A 16 17.69 5.88 -25.14
CA LEU A 16 17.57 4.85 -24.12
C LEU A 16 17.93 3.46 -24.63
N SER A 17 18.32 3.35 -25.90
CA SER A 17 18.76 2.08 -26.45
C SER A 17 20.16 1.71 -26.00
N PHE A 18 20.90 2.67 -25.46
CA PHE A 18 22.28 2.42 -25.04
C PHE A 18 22.34 1.78 -23.66
N LEU A 19 21.50 2.24 -22.75
CA LEU A 19 21.33 1.60 -21.46
C LEU A 19 21.12 0.11 -21.64
N PRO A 20 21.96 -0.74 -21.06
CA PRO A 20 21.78 -2.18 -21.23
C PRO A 20 20.70 -2.74 -20.33
N SER A 21 20.32 -3.98 -20.63
CA SER A 21 19.29 -4.64 -19.83
C SER A 21 19.69 -4.78 -18.38
N ASP A 22 20.98 -5.01 -18.12
CA ASP A 22 21.47 -5.09 -16.76
C ASP A 22 21.26 -3.81 -15.98
N PHE A 23 20.98 -2.69 -16.66
CA PHE A 23 20.84 -1.41 -15.98
C PHE A 23 19.51 -1.30 -15.25
N PHE A 24 18.49 -1.93 -15.77
CA PHE A 24 17.14 -1.67 -15.28
C PHE A 24 16.74 -2.67 -14.21
N PRO A 25 16.04 -2.24 -13.18
CA PRO A 25 15.56 -3.17 -12.17
C PRO A 25 14.41 -4.02 -12.69
N SER A 26 14.06 -5.02 -11.91
CA SER A 26 12.91 -5.85 -12.19
C SER A 26 11.65 -5.00 -12.30
N VAL A 27 10.64 -5.57 -12.97
CA VAL A 27 9.34 -4.89 -13.03
C VAL A 27 8.70 -4.86 -11.66
N ARG A 28 8.78 -5.97 -10.93
CA ARG A 28 8.30 -5.98 -9.55
C ARG A 28 8.94 -4.87 -8.74
N ASP A 29 10.26 -4.75 -8.82
CA ASP A 29 10.97 -3.72 -8.07
C ASP A 29 10.51 -2.33 -8.48
N LEU A 30 10.37 -2.09 -9.77
CA LEU A 30 9.98 -0.76 -10.23
C LEU A 30 8.55 -0.43 -9.83
N LEU A 31 7.66 -1.43 -9.84
CA LEU A 31 6.29 -1.19 -9.42
C LEU A 31 6.20 -0.95 -7.92
N ASP A 32 6.95 -1.72 -7.13
CA ASP A 32 7.06 -1.44 -5.71
C ASP A 32 7.51 -0.01 -5.46
N THR A 33 8.53 0.43 -6.21
CA THR A 33 9.01 1.80 -6.08
C THR A 33 7.92 2.80 -6.43
N ALA A 34 7.27 2.61 -7.57
CA ALA A 34 6.22 3.52 -8.01
C ALA A 34 5.12 3.60 -6.96
N SER A 35 4.71 2.47 -6.41
CA SER A 35 3.69 2.46 -5.39
C SER A 35 4.17 3.27 -4.20
N ALA A 36 5.22 2.77 -3.53
CA ALA A 36 5.70 3.38 -2.32
C ALA A 36 5.89 4.88 -2.45
N LEU A 37 6.28 5.36 -3.62
CA LEU A 37 6.64 6.76 -3.76
C LEU A 37 5.50 7.64 -4.26
N TYR A 38 4.64 7.15 -5.17
CA TYR A 38 3.68 8.02 -5.83
C TYR A 38 2.29 7.41 -5.88
N ARG A 39 1.98 6.44 -5.03
CA ARG A 39 0.67 5.79 -5.10
C ARG A 39 -0.45 6.75 -4.73
N GLU A 40 -0.21 7.57 -3.71
CA GLU A 40 -1.18 8.61 -3.34
C GLU A 40 -1.66 9.38 -4.57
N ALA A 41 -0.73 9.73 -5.45
CA ALA A 41 -1.05 10.55 -6.62
C ALA A 41 -1.51 9.72 -7.81
N LEU A 42 -1.01 8.49 -7.95
CA LEU A 42 -1.43 7.67 -9.07
C LEU A 42 -2.86 7.20 -8.91
N GLU A 43 -3.29 6.96 -7.68
CA GLU A 43 -4.68 6.65 -7.39
C GLU A 43 -5.53 7.90 -7.23
N SER A 44 -4.96 9.07 -7.44
CA SER A 44 -5.67 10.33 -7.26
C SER A 44 -6.55 10.63 -8.47
N PRO A 45 -7.62 11.42 -8.27
CA PRO A 45 -8.46 11.86 -9.38
C PRO A 45 -7.98 13.16 -10.03
N GLU A 46 -6.70 13.22 -10.36
CA GLU A 46 -6.11 14.43 -10.91
C GLU A 46 -5.11 14.09 -12.01
N HIS A 47 -4.99 15.01 -12.98
CA HIS A 47 -3.79 15.07 -13.80
C HIS A 47 -2.74 15.76 -12.98
N CYS A 48 -1.80 14.99 -12.45
CA CYS A 48 -0.71 15.57 -11.68
C CYS A 48 0.49 15.87 -12.56
N SER A 49 0.74 15.01 -13.53
CA SER A 49 1.81 15.19 -14.49
C SER A 49 1.64 14.18 -15.61
N PRO A 50 2.07 14.53 -16.83
CA PRO A 50 2.08 13.53 -17.91
C PRO A 50 2.81 12.27 -17.50
N HIS A 51 3.77 12.38 -16.61
CA HIS A 51 4.47 11.21 -16.10
C HIS A 51 3.54 10.31 -15.31
N HIS A 52 2.72 10.90 -14.44
CA HIS A 52 1.72 10.12 -13.72
C HIS A 52 0.75 9.44 -14.68
N THR A 53 0.27 10.19 -15.66
CA THR A 53 -0.63 9.62 -16.67
C THR A 53 0.01 8.40 -17.35
N ALA A 54 1.20 8.61 -17.92
CA ALA A 54 1.88 7.54 -18.65
C ALA A 54 2.16 6.35 -17.75
N LEU A 55 2.53 6.60 -16.50
CA LEU A 55 2.85 5.53 -15.59
C LEU A 55 1.62 4.70 -15.22
N ARG A 56 0.51 5.38 -14.97
CA ARG A 56 -0.77 4.68 -14.82
C ARG A 56 -1.04 3.75 -16.00
N GLN A 57 -0.96 4.30 -17.21
CA GLN A 57 -1.23 3.49 -18.39
C GLN A 57 -0.28 2.30 -18.49
N ALA A 58 1.00 2.54 -18.24
CA ALA A 58 1.99 1.47 -18.33
C ALA A 58 1.71 0.36 -17.32
N ILE A 59 1.35 0.73 -16.10
CA ILE A 59 1.02 -0.25 -15.07
C ILE A 59 -0.17 -1.10 -15.51
N LEU A 60 -1.22 -0.44 -15.99
CA LEU A 60 -2.40 -1.18 -16.45
C LEU A 60 -2.06 -2.12 -17.60
N CYS A 61 -1.22 -1.67 -18.53
CA CYS A 61 -0.86 -2.51 -19.67
C CYS A 61 -0.04 -3.71 -19.23
N TRP A 62 0.92 -3.52 -18.32
CA TRP A 62 1.66 -4.65 -17.82
C TRP A 62 0.74 -5.63 -17.11
N GLY A 63 -0.25 -5.13 -16.39
CA GLY A 63 -1.22 -6.01 -15.76
C GLY A 63 -1.99 -6.85 -16.76
N GLU A 64 -2.44 -6.23 -17.85
CA GLU A 64 -3.12 -6.99 -18.89
C GLU A 64 -2.20 -8.06 -19.49
N LEU A 65 -0.96 -7.70 -19.78
CA LEU A 65 -0.01 -8.67 -20.30
C LEU A 65 0.18 -9.83 -19.35
N MET A 66 0.29 -9.54 -18.04
CA MET A 66 0.43 -10.60 -17.06
C MET A 66 -0.79 -11.50 -17.02
N THR A 67 -1.99 -10.92 -17.05
CA THR A 67 -3.20 -11.74 -17.07
C THR A 67 -3.18 -12.68 -18.26
N LEU A 68 -2.83 -12.17 -19.43
CA LEU A 68 -2.75 -13.02 -20.62
C LEU A 68 -1.74 -14.13 -20.43
N ALA A 69 -0.54 -13.80 -19.96
CA ALA A 69 0.51 -14.80 -19.81
C ALA A 69 0.10 -15.88 -18.82
N THR A 70 -0.52 -15.49 -17.70
CA THR A 70 -0.95 -16.48 -16.73
C THR A 70 -2.02 -17.38 -17.31
N TRP A 71 -3.04 -16.80 -17.94
CA TRP A 71 -4.08 -17.61 -18.57
C TRP A 71 -3.49 -18.60 -19.58
N VAL A 72 -2.52 -18.14 -20.36
CA VAL A 72 -1.91 -18.99 -21.38
C VAL A 72 -1.13 -20.12 -20.74
N GLY A 73 -0.25 -19.78 -19.78
CA GLY A 73 0.52 -20.81 -19.11
C GLY A 73 -0.36 -21.83 -18.43
N VAL A 74 -1.52 -21.40 -17.92
CA VAL A 74 -2.42 -22.34 -17.25
C VAL A 74 -3.08 -23.25 -18.27
N ASN A 75 -3.68 -22.67 -19.33
CA ASN A 75 -4.38 -23.49 -20.31
C ASN A 75 -3.41 -24.46 -20.99
N LEU A 76 -2.29 -23.97 -21.48
CA LEU A 76 -1.28 -24.83 -22.04
C LEU A 76 -0.68 -25.71 -20.95
N GLU A 77 -0.51 -27.00 -21.26
CA GLU A 77 -0.02 -27.98 -20.30
C GLU A 77 1.40 -28.44 -20.56
N ASP A 78 2.21 -27.65 -21.27
CA ASP A 78 3.58 -28.02 -21.57
C ASP A 78 4.54 -27.03 -20.91
N PRO A 79 5.26 -27.43 -19.86
CA PRO A 79 6.09 -26.45 -19.13
C PRO A 79 7.28 -25.93 -19.93
N ALA A 80 7.87 -26.76 -20.80
CA ALA A 80 9.00 -26.31 -21.61
C ALA A 80 8.59 -25.11 -22.46
N SER A 81 7.57 -25.29 -23.31
CA SER A 81 7.10 -24.17 -24.12
C SER A 81 6.52 -23.07 -23.26
N ARG A 82 5.97 -23.39 -22.09
CA ARG A 82 5.49 -22.35 -21.19
C ARG A 82 6.61 -21.41 -20.81
N ASP A 83 7.71 -21.97 -20.29
CA ASP A 83 8.88 -21.15 -19.97
C ASP A 83 9.42 -20.45 -21.19
N LEU A 84 9.33 -21.08 -22.37
CA LEU A 84 9.83 -20.43 -23.58
C LEU A 84 9.04 -19.15 -23.88
N VAL A 85 7.71 -19.23 -23.80
CA VAL A 85 6.89 -18.08 -24.13
C VAL A 85 7.01 -17.00 -23.06
N VAL A 86 7.12 -17.39 -21.79
CA VAL A 86 7.30 -16.36 -20.76
C VAL A 86 8.70 -15.76 -20.85
N SER A 87 9.67 -16.53 -21.35
CA SER A 87 11.00 -15.96 -21.60
C SER A 87 10.94 -14.94 -22.71
N TYR A 88 10.22 -15.24 -23.79
CA TYR A 88 9.95 -14.23 -24.80
C TYR A 88 9.30 -13.00 -24.19
N VAL A 89 8.24 -13.21 -23.40
CA VAL A 89 7.51 -12.12 -22.78
C VAL A 89 8.48 -11.21 -22.02
N ASN A 90 9.22 -11.79 -21.10
CA ASN A 90 10.18 -11.01 -20.33
C ASN A 90 11.15 -10.32 -21.28
N THR A 91 11.97 -11.10 -21.98
CA THR A 91 13.05 -10.56 -22.78
C THR A 91 12.59 -9.40 -23.66
N ASN A 92 11.35 -9.45 -24.16
CA ASN A 92 10.91 -8.42 -25.10
C ASN A 92 10.18 -7.28 -24.40
N MET A 93 9.09 -7.59 -23.70
CA MET A 93 8.22 -6.56 -23.15
C MET A 93 8.62 -6.11 -21.76
N GLY A 94 9.18 -6.99 -20.94
CA GLY A 94 9.67 -6.55 -19.65
C GLY A 94 10.76 -5.52 -19.80
N LEU A 95 11.62 -5.69 -20.80
CA LEU A 95 12.65 -4.68 -21.07
C LEU A 95 12.02 -3.34 -21.40
N LYS A 96 11.05 -3.33 -22.32
CA LYS A 96 10.38 -2.09 -22.69
C LYS A 96 9.73 -1.43 -21.48
N PHE A 97 9.00 -2.20 -20.69
CA PHE A 97 8.28 -1.64 -19.56
C PHE A 97 9.23 -1.21 -18.45
N ARG A 98 10.37 -1.88 -18.32
CA ARG A 98 11.40 -1.43 -17.39
C ARG A 98 11.97 -0.08 -17.82
N GLN A 99 12.36 0.04 -19.09
CA GLN A 99 12.74 1.34 -19.62
C GLN A 99 11.69 2.39 -19.30
N LEU A 100 10.43 2.09 -19.58
CA LEU A 100 9.34 3.05 -19.41
C LEU A 100 9.18 3.49 -17.97
N LEU A 101 9.00 2.51 -17.08
CA LEU A 101 8.84 2.81 -15.65
C LEU A 101 10.05 3.54 -15.12
N TRP A 102 11.26 3.07 -15.42
CA TRP A 102 12.46 3.74 -14.99
C TRP A 102 12.47 5.19 -15.45
N PHE A 103 12.18 5.43 -16.73
CA PHE A 103 12.23 6.78 -17.25
C PHE A 103 11.26 7.69 -16.53
N HIS A 104 10.03 7.23 -16.31
CA HIS A 104 9.03 8.09 -15.69
C HIS A 104 9.36 8.33 -14.22
N ILE A 105 9.68 7.27 -13.48
CA ILE A 105 10.04 7.41 -12.08
C ILE A 105 11.23 8.34 -11.93
N SER A 106 12.26 8.14 -12.75
CA SER A 106 13.48 8.93 -12.64
C SER A 106 13.23 10.39 -13.03
N CYS A 107 12.42 10.63 -14.06
CA CYS A 107 12.08 12.00 -14.39
C CYS A 107 11.35 12.67 -13.22
N LEU A 108 10.31 12.04 -12.72
CA LEU A 108 9.60 12.59 -11.57
C LEU A 108 10.54 12.90 -10.41
N THR A 109 11.35 11.91 -10.02
CA THR A 109 12.31 12.10 -8.94
C THR A 109 13.27 13.24 -9.20
N PHE A 110 14.09 13.12 -10.24
CA PHE A 110 15.24 14.00 -10.44
C PHE A 110 14.91 15.23 -11.27
N GLY A 111 14.31 15.06 -12.43
CA GLY A 111 14.14 16.13 -13.40
C GLY A 111 14.50 15.64 -14.79
N ARG A 112 13.84 16.23 -15.78
CA ARG A 112 14.06 15.86 -17.18
C ARG A 112 15.45 16.30 -17.63
N GLU A 113 15.82 17.54 -17.29
CA GLU A 113 17.19 18.00 -17.49
C GLU A 113 18.20 16.96 -17.01
N THR A 114 18.05 16.54 -15.75
CA THR A 114 19.03 15.64 -15.15
C THR A 114 19.01 14.27 -15.83
N VAL A 115 17.83 13.76 -16.14
CA VAL A 115 17.74 12.42 -16.69
C VAL A 115 18.28 12.39 -18.12
N ILE A 116 18.07 13.45 -18.87
CA ILE A 116 18.56 13.48 -20.25
C ILE A 116 20.06 13.68 -20.27
N GLU A 117 20.58 14.55 -19.41
CA GLU A 117 22.03 14.68 -19.30
C GLU A 117 22.66 13.35 -18.89
N TYR A 118 22.03 12.64 -17.96
CA TYR A 118 22.54 11.35 -17.53
C TYR A 118 22.51 10.34 -18.67
N LEU A 119 21.47 10.37 -19.49
CA LEU A 119 21.41 9.45 -20.62
C LEU A 119 22.50 9.75 -21.63
N VAL A 120 22.74 11.03 -21.89
CA VAL A 120 23.82 11.45 -22.79
C VAL A 120 25.16 10.94 -22.26
N SER A 121 25.44 11.18 -20.99
CA SER A 121 26.72 10.80 -20.41
C SER A 121 26.89 9.29 -20.35
N PHE A 122 25.84 8.57 -19.97
CA PHE A 122 25.91 7.11 -19.96
C PHE A 122 26.11 6.56 -21.36
N GLY A 123 25.55 7.22 -22.38
CA GLY A 123 25.78 6.76 -23.74
C GLY A 123 27.22 6.98 -24.17
N VAL A 124 27.78 8.14 -23.84
CA VAL A 124 29.20 8.36 -24.06
C VAL A 124 30.01 7.25 -23.40
N TRP A 125 29.65 6.90 -22.17
CA TRP A 125 30.42 5.91 -21.42
C TRP A 125 30.28 4.51 -22.01
N ILE A 126 29.10 4.18 -22.53
CA ILE A 126 28.86 2.82 -23.00
C ILE A 126 29.31 2.62 -24.44
N ARG A 127 29.30 3.67 -25.25
CA ARG A 127 29.89 3.58 -26.58
C ARG A 127 31.40 3.47 -26.50
N THR A 128 32.00 4.00 -25.44
CA THR A 128 33.43 3.91 -25.26
C THR A 128 33.84 2.47 -24.98
N PRO A 129 34.98 2.02 -25.52
CA PRO A 129 35.44 0.69 -25.18
C PRO A 129 35.96 0.61 -23.77
N PRO A 130 35.92 -0.58 -23.15
CA PRO A 130 36.33 -0.69 -21.73
C PRO A 130 37.77 -0.27 -21.48
N ALA A 131 38.66 -0.57 -22.42
CA ALA A 131 40.05 -0.18 -22.26
C ALA A 131 40.22 1.32 -22.08
N TYR A 132 39.25 2.11 -22.54
CA TYR A 132 39.38 3.55 -22.60
C TYR A 132 38.31 4.29 -21.82
N ARG A 133 37.40 3.60 -21.17
CA ARG A 133 36.46 4.25 -20.27
C ARG A 133 36.79 3.94 -18.82
N PRO A 134 36.41 4.82 -17.91
CA PRO A 134 36.55 4.51 -16.50
C PRO A 134 35.87 3.20 -16.15
N PRO A 135 36.30 2.54 -15.10
CA PRO A 135 35.76 1.21 -14.79
C PRO A 135 34.34 1.25 -14.25
N ASN A 136 34.00 2.29 -13.51
CA ASN A 136 32.70 2.42 -12.89
C ASN A 136 31.85 3.44 -13.64
N ALA A 137 30.58 3.11 -13.81
CA ALA A 137 29.68 3.86 -14.67
C ALA A 137 29.14 5.11 -13.98
N PRO A 138 28.48 5.98 -14.73
CA PRO A 138 27.78 7.10 -14.12
C PRO A 138 26.61 6.61 -13.29
N ILE A 139 26.24 7.43 -12.30
CA ILE A 139 25.32 7.04 -11.25
C ILE A 139 24.30 8.14 -11.04
N LEU A 140 23.03 7.78 -11.14
CA LEU A 140 21.91 8.64 -10.81
C LEU A 140 21.31 8.17 -9.50
N SER A 141 21.43 8.98 -8.45
CA SER A 141 21.01 8.53 -7.13
C SER A 141 20.69 9.73 -6.25
N THR A 142 19.90 9.44 -5.20
CA THR A 142 19.62 10.36 -4.12
C THR A 142 20.53 10.12 -2.92
N LEU A 143 21.74 9.61 -3.15
CA LEU A 143 22.63 9.19 -2.08
C LEU A 143 21.89 8.24 -1.13
N MET B 1 -1.49 -2.14 -6.48
CA MET B 1 -2.06 -0.78 -6.58
C MET B 1 -3.24 -0.75 -7.55
N ASP B 2 -4.37 -0.28 -7.05
CA ASP B 2 -5.61 -0.22 -7.82
C ASP B 2 -5.74 1.16 -8.46
N ILE B 3 -5.64 1.21 -9.79
CA ILE B 3 -5.70 2.46 -10.53
C ILE B 3 -6.88 2.39 -11.49
N ASP B 4 -7.73 3.41 -11.44
CA ASP B 4 -8.80 3.56 -12.41
C ASP B 4 -8.33 4.48 -13.52
N PRO B 5 -8.31 4.02 -14.78
CA PRO B 5 -7.77 4.87 -15.85
C PRO B 5 -8.64 6.05 -16.22
N TYR B 6 -9.86 6.14 -15.70
CA TYR B 6 -10.74 7.24 -16.01
C TYR B 6 -11.00 8.17 -14.82
N LYS B 7 -10.72 7.72 -13.60
CA LYS B 7 -10.85 8.57 -12.44
C LYS B 7 -10.06 9.85 -12.62
N GLU B 8 -8.99 9.79 -13.41
CA GLU B 8 -8.16 10.93 -13.74
C GLU B 8 -8.87 11.93 -14.64
N PHE B 9 -9.83 11.47 -15.44
CA PHE B 9 -10.48 12.29 -16.45
C PHE B 9 -11.90 12.66 -16.07
N GLY B 10 -12.45 12.07 -15.03
CA GLY B 10 -13.75 12.41 -14.54
C GLY B 10 -14.78 11.32 -14.63
N ALA B 11 -14.36 10.07 -14.74
CA ALA B 11 -15.26 8.96 -14.96
C ALA B 11 -14.76 7.78 -14.13
N THR B 12 -15.40 6.63 -14.31
CA THR B 12 -15.09 5.43 -13.55
C THR B 12 -15.42 4.24 -14.43
N VAL B 13 -14.97 3.06 -13.99
CA VAL B 13 -15.32 1.84 -14.70
C VAL B 13 -16.79 1.51 -14.50
N GLU B 14 -17.40 2.01 -13.42
CA GLU B 14 -18.81 1.76 -13.18
C GLU B 14 -19.67 2.69 -14.00
N LEU B 15 -19.15 3.87 -14.34
CA LEU B 15 -19.84 4.79 -15.23
C LEU B 15 -19.78 4.35 -16.68
N LEU B 16 -18.67 3.73 -17.09
CA LEU B 16 -18.59 3.10 -18.41
C LEU B 16 -19.12 1.68 -18.43
N SER B 17 -19.46 1.11 -17.27
CA SER B 17 -20.14 -0.18 -17.25
C SER B 17 -21.57 -0.06 -17.73
N PHE B 18 -22.10 1.17 -17.76
CA PHE B 18 -23.42 1.41 -18.33
C PHE B 18 -23.47 0.95 -19.78
N LEU B 19 -22.59 1.47 -20.61
CA LEU B 19 -22.48 1.00 -21.98
C LEU B 19 -22.22 -0.49 -22.01
N PRO B 20 -22.89 -1.25 -22.88
CA PRO B 20 -22.59 -2.68 -22.99
C PRO B 20 -21.28 -2.94 -23.73
N SER B 21 -20.86 -4.20 -23.68
CA SER B 21 -19.66 -4.62 -24.38
C SER B 21 -19.85 -4.53 -25.89
N ASP B 22 -20.98 -5.03 -26.39
CA ASP B 22 -21.31 -4.98 -27.81
C ASP B 22 -21.38 -3.57 -28.36
N PHE B 23 -21.39 -2.55 -27.49
CA PHE B 23 -21.56 -1.17 -27.96
C PHE B 23 -20.31 -0.62 -28.62
N PHE B 24 -19.14 -0.96 -28.09
CA PHE B 24 -17.94 -0.24 -28.47
C PHE B 24 -17.50 -0.67 -29.86
N PRO B 25 -16.92 0.24 -30.65
CA PRO B 25 -16.51 -0.12 -32.00
C PRO B 25 -15.23 -0.94 -32.00
N SER B 26 -14.90 -1.45 -33.18
CA SER B 26 -13.71 -2.26 -33.34
C SER B 26 -12.45 -1.43 -33.12
N VAL B 27 -11.39 -2.11 -32.70
CA VAL B 27 -10.10 -1.45 -32.54
C VAL B 27 -9.60 -0.94 -33.88
N ARG B 28 -9.84 -1.70 -34.95
CA ARG B 28 -9.52 -1.21 -36.29
C ARG B 28 -10.16 0.15 -36.54
N ASP B 29 -11.47 0.25 -36.34
CA ASP B 29 -12.17 1.50 -36.59
C ASP B 29 -11.65 2.62 -35.70
N LEU B 30 -11.44 2.31 -34.42
CA LEU B 30 -10.99 3.34 -33.48
C LEU B 30 -9.61 3.85 -33.84
N LEU B 31 -8.69 2.96 -34.22
CA LEU B 31 -7.37 3.41 -34.63
C LEU B 31 -7.43 4.17 -35.94
N ASP B 32 -8.29 3.76 -36.85
CA ASP B 32 -8.48 4.50 -38.10
C ASP B 32 -8.87 5.95 -37.83
N THR B 33 -9.89 6.14 -36.99
CA THR B 33 -10.32 7.51 -36.70
C THR B 33 -9.28 8.26 -35.87
N ALA B 34 -8.60 7.56 -34.96
CA ALA B 34 -7.53 8.19 -34.21
C ALA B 34 -6.47 8.75 -35.15
N SER B 35 -6.01 7.94 -36.09
CA SER B 35 -5.08 8.43 -37.10
C SER B 35 -5.67 9.64 -37.81
N ALA B 36 -6.76 9.42 -38.55
CA ALA B 36 -7.33 10.46 -39.40
C ALA B 36 -7.53 11.78 -38.67
N LEU B 37 -7.77 11.75 -37.37
CA LEU B 37 -8.14 12.97 -36.66
C LEU B 37 -7.05 13.53 -35.77
N TYR B 38 -6.10 12.72 -35.29
CA TYR B 38 -5.13 13.20 -34.33
C TYR B 38 -3.73 12.61 -34.55
N ARG B 39 -3.42 12.18 -35.78
CA ARG B 39 -2.11 11.58 -36.02
C ARG B 39 -0.99 12.60 -35.84
N GLU B 40 -1.14 13.77 -36.45
CA GLU B 40 -0.11 14.80 -36.37
C GLU B 40 0.22 15.18 -34.94
N ALA B 41 -0.74 15.10 -34.03
CA ALA B 41 -0.54 15.47 -32.64
C ALA B 41 -0.12 14.30 -31.77
N LEU B 42 -0.47 13.06 -32.17
CA LEU B 42 0.02 11.91 -31.45
C LEU B 42 1.47 11.60 -31.79
N GLU B 43 1.89 11.99 -32.98
CA GLU B 43 3.28 11.88 -33.39
C GLU B 43 4.08 13.13 -33.07
N SER B 44 3.50 14.05 -32.33
CA SER B 44 4.11 15.33 -32.02
C SER B 44 5.01 15.22 -30.80
N PRO B 45 6.00 16.10 -30.69
CA PRO B 45 6.84 16.16 -29.48
C PRO B 45 6.29 17.13 -28.43
N GLU B 46 5.02 16.95 -28.08
CA GLU B 46 4.34 17.88 -27.20
C GLU B 46 3.37 17.14 -26.30
N HIS B 47 3.22 17.62 -25.06
CA HIS B 47 2.05 17.32 -24.26
C HIS B 47 0.94 18.19 -24.79
N CYS B 48 0.09 17.59 -25.62
CA CYS B 48 -1.04 18.33 -26.16
C CYS B 48 -2.24 18.22 -25.25
N SER B 49 -2.37 17.09 -24.57
CA SER B 49 -3.45 16.84 -23.62
C SER B 49 -3.21 15.50 -22.94
N PRO B 50 -3.70 15.33 -21.72
CA PRO B 50 -3.62 14.01 -21.09
C PRO B 50 -4.30 12.94 -21.90
N HIS B 51 -5.27 13.31 -22.74
CA HIS B 51 -5.90 12.33 -23.60
C HIS B 51 -4.93 11.85 -24.66
N HIS B 52 -4.15 12.76 -25.24
CA HIS B 52 -3.08 12.37 -26.15
C HIS B 52 -2.08 11.47 -25.45
N THR B 53 -1.63 11.89 -24.26
CA THR B 53 -0.66 11.11 -23.50
C THR B 53 -1.15 9.70 -23.25
N ALA B 54 -2.41 9.56 -22.85
CA ALA B 54 -2.97 8.25 -22.55
C ALA B 54 -3.21 7.42 -23.81
N LEU B 55 -3.66 8.05 -24.88
CA LEU B 55 -3.97 7.35 -26.11
C LEU B 55 -2.72 6.79 -26.76
N ARG B 56 -1.61 7.54 -26.70
CA ARG B 56 -0.34 7.03 -27.19
C ARG B 56 0.02 5.71 -26.50
N GLN B 57 0.00 5.71 -25.16
CA GLN B 57 0.33 4.52 -24.41
C GLN B 57 -0.63 3.38 -24.71
N ALA B 58 -1.92 3.68 -24.83
CA ALA B 58 -2.88 2.66 -25.19
C ALA B 58 -2.56 2.03 -26.53
N ILE B 59 -2.18 2.84 -27.52
CA ILE B 59 -1.87 2.33 -28.84
C ILE B 59 -0.64 1.43 -28.78
N LEU B 60 0.39 1.87 -28.05
CA LEU B 60 1.60 1.08 -27.94
C LEU B 60 1.36 -0.22 -27.20
N CYS B 61 0.50 -0.20 -26.18
CA CYS B 61 0.21 -1.41 -25.43
C CYS B 61 -0.61 -2.38 -26.26
N TRP B 62 -1.54 -1.87 -27.06
CA TRP B 62 -2.23 -2.73 -28.02
C TRP B 62 -1.25 -3.37 -28.97
N GLY B 63 -0.29 -2.59 -29.48
CA GLY B 63 0.74 -3.17 -30.33
C GLY B 63 1.51 -4.29 -29.64
N GLU B 64 1.89 -4.08 -28.39
CA GLU B 64 2.62 -5.10 -27.65
C GLU B 64 1.79 -6.36 -27.46
N LEU B 65 0.52 -6.19 -27.07
CA LEU B 65 -0.37 -7.35 -26.93
C LEU B 65 -0.53 -8.09 -28.24
N MET B 66 -0.61 -7.35 -29.34
CA MET B 66 -0.76 -7.99 -30.65
C MET B 66 0.48 -8.80 -30.98
N THR B 67 1.66 -8.22 -30.80
CA THR B 67 2.90 -8.96 -31.03
C THR B 67 2.93 -10.23 -30.18
N LEU B 68 2.62 -10.09 -28.89
CA LEU B 68 2.57 -11.26 -28.01
C LEU B 68 1.68 -12.35 -28.57
N ALA B 69 0.40 -12.04 -28.75
CA ALA B 69 -0.56 -13.06 -29.15
C ALA B 69 -0.25 -13.63 -30.53
N THR B 70 0.30 -12.80 -31.42
CA THR B 70 0.71 -13.28 -32.74
C THR B 70 1.83 -14.29 -32.63
N TRP B 71 2.94 -13.89 -32.01
CA TRP B 71 4.05 -14.81 -31.76
C TRP B 71 3.55 -16.10 -31.12
N VAL B 72 2.63 -15.98 -30.15
CA VAL B 72 2.12 -17.15 -29.45
C VAL B 72 1.35 -18.06 -30.39
N GLY B 73 0.29 -17.53 -31.02
CA GLY B 73 -0.49 -18.35 -31.95
C GLY B 73 0.36 -18.96 -33.04
N VAL B 74 1.41 -18.26 -33.47
CA VAL B 74 2.33 -18.83 -34.46
C VAL B 74 3.05 -20.03 -33.87
N ASN B 75 3.55 -19.90 -32.64
CA ASN B 75 4.17 -21.05 -31.98
C ASN B 75 3.15 -22.15 -31.72
N LEU B 76 1.86 -21.80 -31.76
CA LEU B 76 0.79 -22.79 -31.59
C LEU B 76 0.39 -23.35 -32.94
N GLU B 77 0.56 -24.67 -33.11
CA GLU B 77 0.31 -25.27 -34.42
C GLU B 77 -1.17 -25.59 -34.62
N ASP B 78 -1.95 -25.68 -33.52
CA ASP B 78 -3.32 -26.14 -33.67
C ASP B 78 -4.30 -24.98 -33.84
N PRO B 79 -5.15 -25.03 -34.87
CA PRO B 79 -6.06 -23.91 -35.13
C PRO B 79 -7.08 -23.69 -34.02
N ALA B 80 -7.65 -24.78 -33.48
CA ALA B 80 -8.61 -24.62 -32.39
C ALA B 80 -7.96 -23.90 -31.21
N SER B 81 -6.71 -24.25 -30.90
CA SER B 81 -6.02 -23.62 -29.78
C SER B 81 -5.78 -22.14 -30.04
N ARG B 82 -5.24 -21.80 -31.22
CA ARG B 82 -4.98 -20.38 -31.48
C ARG B 82 -6.27 -19.58 -31.55
N ASP B 83 -7.35 -20.18 -32.05
CA ASP B 83 -8.63 -19.48 -32.14
C ASP B 83 -9.20 -19.22 -30.74
N LEU B 84 -9.09 -20.22 -29.86
CA LEU B 84 -9.42 -20.02 -28.45
C LEU B 84 -8.65 -18.85 -27.88
N VAL B 85 -7.34 -18.79 -28.17
CA VAL B 85 -6.50 -17.73 -27.60
C VAL B 85 -6.99 -16.37 -28.06
N VAL B 86 -7.20 -16.20 -29.37
CA VAL B 86 -7.57 -14.88 -29.86
C VAL B 86 -8.99 -14.53 -29.44
N SER B 87 -9.86 -15.53 -29.27
CA SER B 87 -11.18 -15.26 -28.73
C SER B 87 -11.10 -14.68 -27.32
N TYR B 88 -10.30 -15.31 -26.46
CA TYR B 88 -10.13 -14.78 -25.11
C TYR B 88 -9.56 -13.36 -25.14
N VAL B 89 -8.55 -13.14 -25.99
CA VAL B 89 -7.98 -11.81 -26.15
C VAL B 89 -9.08 -10.80 -26.49
N ASN B 90 -9.78 -11.06 -27.59
CA ASN B 90 -10.79 -10.12 -28.07
C ASN B 90 -11.85 -9.86 -27.00
N THR B 91 -12.21 -10.88 -26.23
CA THR B 91 -13.21 -10.70 -25.19
C THR B 91 -12.72 -9.78 -24.09
N ASN B 92 -11.52 -10.05 -23.56
CA ASN B 92 -11.04 -9.35 -22.36
C ASN B 92 -10.22 -8.09 -22.69
N MET B 93 -9.08 -8.27 -23.35
CA MET B 93 -8.20 -7.13 -23.58
C MET B 93 -8.73 -6.28 -24.72
N GLY B 94 -9.32 -6.91 -25.73
CA GLY B 94 -9.99 -6.16 -26.77
C GLY B 94 -11.05 -5.23 -26.21
N LEU B 95 -11.88 -5.73 -25.30
CA LEU B 95 -12.93 -4.92 -24.71
C LEU B 95 -12.35 -3.80 -23.85
N LYS B 96 -11.35 -4.11 -23.02
CA LYS B 96 -10.69 -3.08 -22.23
C LYS B 96 -10.21 -1.95 -23.14
N PHE B 97 -9.52 -2.31 -24.22
CA PHE B 97 -8.88 -1.29 -25.04
C PHE B 97 -9.87 -0.57 -25.93
N ARG B 98 -10.99 -1.22 -26.25
CA ARG B 98 -12.07 -0.53 -26.95
C ARG B 98 -12.71 0.52 -26.06
N GLN B 99 -13.05 0.15 -24.82
CA GLN B 99 -13.47 1.14 -23.84
C GLN B 99 -12.52 2.32 -23.81
N LEU B 100 -11.22 2.03 -23.66
CA LEU B 100 -10.22 3.07 -23.48
C LEU B 100 -10.13 3.98 -24.69
N LEU B 101 -9.90 3.40 -25.86
CA LEU B 101 -9.78 4.19 -27.08
C LEU B 101 -11.04 5.00 -27.35
N TRP B 102 -12.20 4.35 -27.24
CA TRP B 102 -13.45 5.08 -27.41
C TRP B 102 -13.51 6.28 -26.48
N PHE B 103 -13.25 6.06 -25.19
CA PHE B 103 -13.33 7.17 -24.24
C PHE B 103 -12.43 8.32 -24.66
N HIS B 104 -11.17 8.02 -24.99
CA HIS B 104 -10.22 9.10 -25.23
C HIS B 104 -10.50 9.82 -26.55
N ILE B 105 -10.78 9.06 -27.61
CA ILE B 105 -11.10 9.66 -28.89
C ILE B 105 -12.36 10.51 -28.77
N SER B 106 -13.40 9.95 -28.16
CA SER B 106 -14.65 10.67 -27.98
C SER B 106 -14.45 11.93 -27.16
N CYS B 107 -13.63 11.87 -26.12
CA CYS B 107 -13.47 13.04 -25.28
C CYS B 107 -12.68 14.12 -26.00
N LEU B 108 -11.55 13.76 -26.62
CA LEU B 108 -10.86 14.70 -27.50
C LEU B 108 -11.81 15.36 -28.47
N THR B 109 -12.63 14.57 -29.16
CA THR B 109 -13.51 15.10 -30.19
C THR B 109 -14.60 16.02 -29.63
N PHE B 110 -15.29 15.60 -28.57
CA PHE B 110 -16.50 16.25 -28.12
C PHE B 110 -16.35 17.02 -26.82
N GLY B 111 -15.67 16.48 -25.82
CA GLY B 111 -15.61 17.09 -24.50
C GLY B 111 -15.94 16.12 -23.38
N ARG B 112 -15.27 16.34 -22.23
CA ARG B 112 -15.59 15.58 -21.03
C ARG B 112 -17.06 15.71 -20.66
N GLU B 113 -17.57 16.93 -20.66
CA GLU B 113 -18.98 17.17 -20.38
C GLU B 113 -19.86 16.31 -21.27
N THR B 114 -19.67 16.42 -22.59
CA THR B 114 -20.51 15.70 -23.52
C THR B 114 -20.41 14.20 -23.31
N VAL B 115 -19.21 13.70 -23.04
CA VAL B 115 -19.02 12.25 -22.97
C VAL B 115 -19.62 11.69 -21.69
N ILE B 116 -19.54 12.42 -20.59
CA ILE B 116 -20.11 11.93 -19.34
C ILE B 116 -21.63 12.05 -19.36
N GLU B 117 -22.16 13.16 -19.88
CA GLU B 117 -23.60 13.25 -20.08
C GLU B 117 -24.09 12.18 -21.03
N TYR B 118 -23.29 11.83 -22.04
CA TYR B 118 -23.64 10.75 -22.94
C TYR B 118 -23.69 9.42 -22.21
N LEU B 119 -22.75 9.21 -21.30
CA LEU B 119 -22.75 7.99 -20.51
C LEU B 119 -24.03 7.86 -19.69
N VAL B 120 -24.43 8.95 -19.02
CA VAL B 120 -25.63 8.86 -18.20
C VAL B 120 -26.89 8.71 -19.06
N SER B 121 -26.97 9.47 -20.16
CA SER B 121 -28.11 9.35 -21.05
C SER B 121 -28.24 7.96 -21.64
N PHE B 122 -27.12 7.36 -22.03
CA PHE B 122 -27.16 5.99 -22.54
C PHE B 122 -27.54 5.00 -21.46
N GLY B 123 -27.11 5.23 -20.22
CA GLY B 123 -27.59 4.40 -19.13
C GLY B 123 -29.09 4.45 -18.99
N VAL B 124 -29.66 5.66 -19.07
CA VAL B 124 -31.11 5.82 -19.06
C VAL B 124 -31.73 5.01 -20.19
N TRP B 125 -31.23 5.20 -21.41
CA TRP B 125 -31.80 4.54 -22.58
C TRP B 125 -31.74 3.02 -22.45
N ILE B 126 -30.65 2.48 -21.92
CA ILE B 126 -30.49 1.03 -21.85
C ILE B 126 -31.20 0.45 -20.65
N ARG B 127 -31.46 1.26 -19.61
CA ARG B 127 -32.25 0.81 -18.48
C ARG B 127 -33.74 0.83 -18.77
N THR B 128 -34.18 1.74 -19.63
CA THR B 128 -35.58 1.82 -19.97
C THR B 128 -36.07 0.49 -20.56
N PRO B 129 -37.23 -0.01 -20.15
CA PRO B 129 -37.76 -1.22 -20.77
C PRO B 129 -38.02 -1.01 -22.24
N PRO B 130 -38.02 -2.09 -23.03
CA PRO B 130 -38.11 -1.93 -24.49
C PRO B 130 -39.39 -1.29 -24.98
N ALA B 131 -40.53 -1.55 -24.32
CA ALA B 131 -41.79 -0.98 -24.78
C ALA B 131 -41.78 0.53 -24.77
N TYR B 132 -40.89 1.13 -24.00
CA TYR B 132 -40.78 2.59 -23.89
C TYR B 132 -39.39 3.07 -24.26
N ARG B 133 -38.57 2.20 -24.82
CA ARG B 133 -37.21 2.54 -25.20
C ARG B 133 -37.22 3.11 -26.61
N PRO B 134 -36.92 4.40 -26.80
CA PRO B 134 -36.81 4.93 -28.14
C PRO B 134 -35.86 4.10 -28.99
N PRO B 135 -36.22 3.82 -30.25
CA PRO B 135 -35.29 3.06 -31.10
C PRO B 135 -34.09 3.86 -31.52
N ASN B 136 -34.16 5.19 -31.49
CA ASN B 136 -33.03 6.06 -31.75
C ASN B 136 -32.20 6.16 -30.48
N ALA B 137 -31.17 5.31 -30.39
CA ALA B 137 -30.27 5.37 -29.26
C ALA B 137 -29.51 6.69 -29.26
N PRO B 138 -28.97 7.08 -28.11
CA PRO B 138 -28.20 8.32 -28.07
C PRO B 138 -26.94 8.19 -28.91
N ILE B 139 -26.56 9.31 -29.54
CA ILE B 139 -25.43 9.35 -30.46
C ILE B 139 -24.68 10.65 -30.19
N LEU B 140 -23.35 10.56 -30.23
CA LEU B 140 -22.51 11.74 -30.10
C LEU B 140 -22.40 12.44 -31.45
N SER B 141 -22.38 13.77 -31.42
CA SER B 141 -22.44 14.54 -32.65
C SER B 141 -21.94 15.95 -32.41
N THR B 142 -21.06 16.41 -33.31
CA THR B 142 -20.63 17.81 -33.37
C THR B 142 -21.56 18.64 -34.25
N LEU B 143 -22.79 18.19 -34.43
CA LEU B 143 -23.69 18.76 -35.43
C LEU B 143 -24.98 19.25 -34.81
N MET C 1 -12.55 -0.25 12.20
CA MET C 1 -11.36 0.62 12.44
C MET C 1 -10.15 0.14 11.66
N ASP C 2 -9.77 0.90 10.64
CA ASP C 2 -8.59 0.62 9.84
C ASP C 2 -7.56 1.70 10.15
N ILE C 3 -6.72 1.45 11.15
CA ILE C 3 -5.75 2.42 11.63
C ILE C 3 -4.38 2.04 11.13
N ASP C 4 -3.64 3.03 10.64
CA ASP C 4 -2.24 2.85 10.27
C ASP C 4 -1.37 3.53 11.31
N PRO C 5 -0.51 2.80 12.02
CA PRO C 5 0.28 3.44 13.09
C PRO C 5 1.15 4.58 12.62
N TYR C 6 1.43 4.69 11.32
CA TYR C 6 2.36 5.68 10.82
C TYR C 6 1.70 6.84 10.12
N LYS C 7 0.45 6.67 9.68
CA LYS C 7 -0.25 7.73 8.96
C LYS C 7 -0.29 9.01 9.78
N GLU C 8 -0.43 8.88 11.10
CA GLU C 8 -0.39 10.03 12.00
C GLU C 8 0.96 10.72 12.00
N PHE C 9 1.99 10.08 11.43
CA PHE C 9 3.36 10.58 11.49
C PHE C 9 3.90 11.00 10.13
N GLY C 10 3.44 10.39 9.05
CA GLY C 10 3.84 10.78 7.72
C GLY C 10 4.44 9.64 6.92
N ALA C 11 4.10 8.41 7.28
CA ALA C 11 4.63 7.23 6.63
C ALA C 11 3.50 6.23 6.46
N THR C 12 3.86 5.00 6.13
CA THR C 12 2.89 3.95 5.86
C THR C 12 3.54 2.59 6.01
N VAL C 13 2.71 1.58 6.21
CA VAL C 13 3.18 0.21 6.22
C VAL C 13 3.80 -0.15 4.88
N GLU C 14 3.26 0.41 3.80
CA GLU C 14 3.81 0.14 2.47
C GLU C 14 5.20 0.71 2.34
N LEU C 15 5.43 1.91 2.89
CA LEU C 15 6.74 2.53 2.78
C LEU C 15 7.76 1.83 3.66
N LEU C 16 7.38 1.47 4.88
CA LEU C 16 8.33 0.77 5.73
C LEU C 16 8.56 -0.66 5.28
N SER C 17 7.61 -1.24 4.54
CA SER C 17 7.86 -2.50 3.85
C SER C 17 8.62 -2.30 2.55
N PHE C 18 8.95 -1.05 2.21
CA PHE C 18 9.81 -0.77 1.08
C PHE C 18 11.26 -1.11 1.39
N LEU C 19 11.61 -1.22 2.64
CA LEU C 19 12.87 -1.79 3.07
C LEU C 19 12.73 -3.27 3.33
N PRO C 20 13.81 -4.04 3.16
CA PRO C 20 13.74 -5.47 3.44
C PRO C 20 13.61 -5.75 4.93
N SER C 21 13.10 -6.94 5.23
CA SER C 21 12.82 -7.31 6.61
C SER C 21 14.08 -7.63 7.38
N ASP C 22 15.12 -8.13 6.72
CA ASP C 22 16.37 -8.43 7.38
C ASP C 22 17.24 -7.20 7.60
N PHE C 23 16.67 -6.01 7.43
CA PHE C 23 17.39 -4.76 7.64
C PHE C 23 17.16 -4.20 9.03
N PHE C 24 16.02 -4.52 9.63
CA PHE C 24 15.65 -3.89 10.88
C PHE C 24 16.36 -4.58 12.03
N PRO C 25 16.90 -3.83 12.99
CA PRO C 25 17.61 -4.46 14.10
C PRO C 25 16.69 -5.31 14.96
N SER C 26 17.25 -5.96 15.96
CA SER C 26 16.48 -6.81 16.85
C SER C 26 15.71 -5.97 17.85
N VAL C 27 14.63 -6.56 18.38
CA VAL C 27 13.85 -5.88 19.40
C VAL C 27 14.68 -5.62 20.64
N ARG C 28 15.53 -6.57 21.02
CA ARG C 28 16.44 -6.37 22.14
C ARG C 28 17.32 -5.14 21.93
N ASP C 29 18.02 -5.10 20.80
CA ASP C 29 18.89 -3.97 20.49
C ASP C 29 18.12 -2.66 20.48
N LEU C 30 16.92 -2.65 19.90
CA LEU C 30 16.18 -1.41 19.80
C LEU C 30 15.66 -0.95 21.16
N LEU C 31 15.28 -1.89 22.02
CA LEU C 31 14.87 -1.54 23.37
C LEU C 31 16.05 -1.02 24.19
N ASP C 32 17.22 -1.64 24.02
CA ASP C 32 18.42 -1.13 24.67
C ASP C 32 18.70 0.30 24.22
N THR C 33 18.60 0.56 22.91
CA THR C 33 18.77 1.90 22.39
C THR C 33 17.76 2.87 22.99
N ALA C 34 16.49 2.48 23.00
CA ALA C 34 15.45 3.34 23.54
C ALA C 34 15.73 3.67 25.00
N SER C 35 16.07 2.67 25.79
CA SER C 35 16.46 2.93 27.17
C SER C 35 17.58 3.93 27.23
N ALA C 36 18.75 3.55 26.70
CA ALA C 36 19.94 4.39 26.76
C ALA C 36 19.65 5.83 26.40
N LEU C 37 18.88 6.07 25.35
CA LEU C 37 18.79 7.41 24.79
C LEU C 37 17.58 8.20 25.28
N TYR C 38 16.49 7.54 25.69
CA TYR C 38 15.25 8.26 26.00
C TYR C 38 14.54 7.68 27.22
N ARG C 39 15.26 7.00 28.12
CA ARG C 39 14.60 6.44 29.29
C ARG C 39 13.99 7.52 30.16
N GLU C 40 14.75 8.56 30.47
CA GLU C 40 14.26 9.61 31.36
C GLU C 40 13.15 10.42 30.73
N ALA C 41 13.04 10.42 29.41
CA ALA C 41 11.97 11.12 28.73
C ALA C 41 10.73 10.26 28.53
N LEU C 42 10.90 8.94 28.46
CA LEU C 42 9.77 8.04 28.39
C LEU C 42 9.14 7.79 29.75
N GLU C 43 9.94 7.77 30.81
CA GLU C 43 9.45 7.62 32.16
C GLU C 43 8.98 8.93 32.76
N SER C 44 8.87 9.95 31.99
CA SER C 44 8.53 11.29 32.40
C SER C 44 7.02 11.48 32.46
N PRO C 45 6.55 12.40 33.31
CA PRO C 45 5.13 12.78 33.31
C PRO C 45 4.83 13.95 32.39
N GLU C 46 5.15 13.77 31.11
CA GLU C 46 4.98 14.82 30.12
C GLU C 46 4.71 14.19 28.76
N HIS C 47 3.92 14.89 27.95
CA HIS C 47 3.80 14.56 26.54
C HIS C 47 4.97 15.24 25.85
N CYS C 48 6.08 14.51 25.78
CA CYS C 48 7.28 15.09 25.20
C CYS C 48 7.20 15.08 23.68
N SER C 49 6.50 14.10 23.13
CA SER C 49 6.32 13.99 21.69
C SER C 49 5.35 12.85 21.39
N PRO C 50 4.63 12.94 20.28
CA PRO C 50 3.85 11.78 19.83
C PRO C 50 4.70 10.55 19.64
N HIS C 51 5.96 10.73 19.24
CA HIS C 51 6.86 9.60 19.13
C HIS C 51 7.12 8.98 20.49
N HIS C 52 7.21 9.81 21.52
CA HIS C 52 7.40 9.29 22.87
C HIS C 52 6.18 8.49 23.32
N THR C 53 5.00 9.06 23.13
CA THR C 53 3.76 8.35 23.47
C THR C 53 3.68 7.01 22.77
N ALA C 54 3.89 7.02 21.45
CA ALA C 54 3.81 5.79 20.66
C ALA C 54 4.84 4.78 21.11
N LEU C 55 6.05 5.23 21.42
CA LEU C 55 7.09 4.32 21.86
C LEU C 55 6.74 3.67 23.19
N ARG C 56 6.26 4.47 24.16
CA ARG C 56 5.74 3.91 25.40
C ARG C 56 4.73 2.81 25.14
N GLN C 57 3.70 3.12 24.36
CA GLN C 57 2.63 2.15 24.15
C GLN C 57 3.15 0.90 23.45
N ALA C 58 4.07 1.06 22.51
CA ALA C 58 4.61 -0.09 21.78
C ALA C 58 5.46 -0.97 22.68
N ILE C 59 6.28 -0.35 23.54
CA ILE C 59 7.07 -1.11 24.51
C ILE C 59 6.15 -1.92 25.41
N LEU C 60 5.06 -1.31 25.87
CA LEU C 60 4.14 -2.02 26.74
C LEU C 60 3.43 -3.16 26.01
N CYS C 61 3.02 -2.94 24.76
CA CYS C 61 2.40 -4.01 23.99
C CYS C 61 3.35 -5.17 23.78
N TRP C 62 4.62 -4.87 23.50
CA TRP C 62 5.61 -5.94 23.39
C TRP C 62 5.72 -6.71 24.70
N GLY C 63 5.69 -6.00 25.83
CA GLY C 63 5.71 -6.69 27.11
C GLY C 63 4.53 -7.63 27.28
N GLU C 64 3.33 -7.17 26.92
CA GLU C 64 2.15 -8.02 27.04
C GLU C 64 2.28 -9.27 26.18
N LEU C 65 2.67 -9.09 24.92
CA LEU C 65 2.84 -10.23 24.02
C LEU C 65 3.89 -11.19 24.56
N MET C 66 4.95 -10.66 25.16
CA MET C 66 5.99 -11.53 25.72
C MET C 66 5.46 -12.33 26.90
N THR C 67 4.72 -11.68 27.80
CA THR C 67 4.11 -12.41 28.90
C THR C 67 3.24 -13.54 28.38
N LEU C 68 2.38 -13.24 27.42
CA LEU C 68 1.50 -14.25 26.86
C LEU C 68 2.29 -15.40 26.26
N ALA C 69 3.32 -15.08 25.47
CA ALA C 69 4.09 -16.13 24.82
C ALA C 69 4.84 -16.98 25.83
N THR C 70 5.37 -16.37 26.89
CA THR C 70 6.06 -17.14 27.91
C THR C 70 5.10 -18.08 28.62
N TRP C 71 3.92 -17.58 29.00
CA TRP C 71 2.91 -18.42 29.62
C TRP C 71 2.52 -19.58 28.71
N VAL C 72 2.30 -19.28 27.42
CA VAL C 72 1.98 -20.32 26.45
C VAL C 72 3.11 -21.34 26.34
N GLY C 73 4.36 -20.89 26.34
CA GLY C 73 5.46 -21.82 26.21
C GLY C 73 5.59 -22.72 27.44
N VAL C 74 5.30 -22.17 28.62
CA VAL C 74 5.22 -23.01 29.80
C VAL C 74 4.14 -24.07 29.62
N ASN C 75 2.98 -23.66 29.12
CA ASN C 75 1.88 -24.61 28.96
C ASN C 75 2.23 -25.71 27.97
N LEU C 76 2.56 -25.32 26.74
CA LEU C 76 2.88 -26.29 25.70
C LEU C 76 4.24 -26.93 26.00
N GLU C 77 4.38 -28.21 25.65
CA GLU C 77 5.57 -28.97 26.04
C GLU C 77 6.51 -29.27 24.89
N ASP C 78 6.00 -29.40 23.67
CA ASP C 78 6.81 -29.92 22.57
C ASP C 78 7.70 -28.83 21.97
N PRO C 79 9.03 -28.97 22.03
CA PRO C 79 9.89 -27.96 21.41
C PRO C 79 9.55 -27.67 19.96
N ALA C 80 8.98 -28.64 19.24
CA ALA C 80 8.63 -28.41 17.84
C ALA C 80 7.64 -27.26 17.72
N SER C 81 6.45 -27.42 18.28
CA SER C 81 5.44 -26.38 18.20
C SER C 81 5.83 -25.15 19.00
N ARG C 82 6.67 -25.30 20.03
CA ARG C 82 7.16 -24.14 20.77
C ARG C 82 8.01 -23.25 19.86
N ASP C 83 8.97 -23.84 19.16
CA ASP C 83 9.76 -23.09 18.20
C ASP C 83 8.87 -22.58 17.07
N LEU C 84 7.81 -23.32 16.74
CA LEU C 84 6.89 -22.85 15.72
C LEU C 84 6.20 -21.55 16.12
N VAL C 85 5.69 -21.49 17.36
CA VAL C 85 5.05 -20.26 17.82
C VAL C 85 6.06 -19.13 17.93
N VAL C 86 7.28 -19.43 18.41
CA VAL C 86 8.32 -18.41 18.42
C VAL C 86 8.56 -17.88 17.01
N SER C 87 8.57 -18.78 16.03
CA SER C 87 8.78 -18.38 14.65
C SER C 87 7.67 -17.47 14.16
N TYR C 88 6.42 -17.86 14.41
CA TYR C 88 5.28 -17.05 14.00
C TYR C 88 5.35 -15.65 14.62
N VAL C 89 5.63 -15.60 15.92
CA VAL C 89 5.77 -14.31 16.61
C VAL C 89 6.84 -13.47 15.93
N ASN C 90 8.07 -13.97 15.92
CA ASN C 90 9.18 -13.18 15.41
C ASN C 90 9.04 -12.88 13.93
N THR C 91 8.14 -13.58 13.24
CA THR C 91 7.91 -13.34 11.81
C THR C 91 6.90 -12.24 11.57
N ASN C 92 5.82 -12.21 12.34
CA ASN C 92 4.77 -11.20 12.14
C ASN C 92 4.86 -10.06 13.14
N MET C 93 4.73 -10.38 14.43
CA MET C 93 4.70 -9.33 15.44
C MET C 93 6.10 -8.82 15.71
N GLY C 94 7.08 -9.71 15.69
CA GLY C 94 8.45 -9.27 15.80
C GLY C 94 8.80 -8.23 14.77
N LEU C 95 8.43 -8.46 13.52
CA LEU C 95 8.73 -7.53 12.45
C LEU C 95 7.94 -6.24 12.59
N LYS C 96 6.63 -6.34 12.88
CA LYS C 96 5.86 -5.13 13.11
C LYS C 96 6.53 -4.24 14.15
N PHE C 97 6.91 -4.83 15.29
CA PHE C 97 7.46 -4.03 16.37
C PHE C 97 8.89 -3.57 16.10
N ARG C 98 9.66 -4.35 15.36
CA ARG C 98 10.97 -3.87 14.90
C ARG C 98 10.82 -2.64 14.04
N GLN C 99 9.95 -2.70 13.02
CA GLN C 99 9.69 -1.54 12.18
C GLN C 99 9.21 -0.35 13.01
N LEU C 100 8.33 -0.59 13.97
CA LEU C 100 7.75 0.50 14.74
C LEU C 100 8.79 1.16 15.63
N LEU C 101 9.53 0.36 16.39
CA LEU C 101 10.57 0.90 17.25
C LEU C 101 11.65 1.59 16.44
N TRP C 102 12.09 0.97 15.35
CA TRP C 102 13.07 1.61 14.48
C TRP C 102 12.56 2.96 14.02
N PHE C 103 11.33 3.02 13.51
CA PHE C 103 10.80 4.28 13.01
C PHE C 103 10.80 5.35 14.08
N HIS C 104 10.31 5.01 15.26
CA HIS C 104 10.15 6.04 16.30
C HIS C 104 11.49 6.48 16.86
N ILE C 105 12.35 5.52 17.21
CA ILE C 105 13.69 5.87 17.68
C ILE C 105 14.44 6.69 16.66
N SER C 106 14.44 6.23 15.40
CA SER C 106 15.18 6.92 14.35
C SER C 106 14.63 8.31 14.11
N CYS C 107 13.32 8.48 14.17
CA CYS C 107 12.77 9.82 13.97
C CYS C 107 13.13 10.72 15.13
N LEU C 108 12.96 10.25 16.36
CA LEU C 108 13.41 11.00 17.52
C LEU C 108 14.86 11.44 17.39
N THR C 109 15.72 10.56 16.88
CA THR C 109 17.15 10.87 16.82
C THR C 109 17.52 11.77 15.65
N PHE C 110 16.91 11.56 14.48
CA PHE C 110 17.35 12.18 13.25
C PHE C 110 16.40 13.19 12.64
N GLY C 111 15.09 12.96 12.74
CA GLY C 111 14.12 13.75 12.01
C GLY C 111 13.18 12.90 11.18
N ARG C 112 11.90 13.28 11.19
CA ARG C 112 10.91 12.58 10.37
C ARG C 112 11.29 12.64 8.89
N GLU C 113 11.62 13.84 8.42
CA GLU C 113 12.03 14.01 7.03
C GLU C 113 13.21 13.13 6.70
N THR C 114 14.24 13.17 7.54
CA THR C 114 15.44 12.39 7.31
C THR C 114 15.13 10.90 7.24
N VAL C 115 14.30 10.41 8.16
CA VAL C 115 14.00 8.98 8.20
C VAL C 115 13.16 8.56 7.00
N ILE C 116 12.23 9.40 6.56
CA ILE C 116 11.38 9.03 5.43
C ILE C 116 12.18 9.06 4.13
N GLU C 117 12.97 10.12 3.93
CA GLU C 117 13.88 10.14 2.78
C GLU C 117 14.86 8.99 2.82
N TYR C 118 15.25 8.55 4.01
CA TYR C 118 16.14 7.40 4.11
C TYR C 118 15.42 6.12 3.70
N LEU C 119 14.18 5.94 4.14
CA LEU C 119 13.39 4.82 3.67
C LEU C 119 13.40 4.77 2.15
N VAL C 120 13.02 5.88 1.52
CA VAL C 120 12.95 5.95 0.06
C VAL C 120 14.30 5.63 -0.56
N SER C 121 15.35 6.31 -0.11
CA SER C 121 16.67 6.15 -0.68
C SER C 121 17.17 4.72 -0.56
N PHE C 122 17.05 4.13 0.62
CA PHE C 122 17.53 2.76 0.82
C PHE C 122 16.70 1.75 0.02
N GLY C 123 15.42 2.02 -0.20
CA GLY C 123 14.64 1.12 -1.03
C GLY C 123 15.06 1.17 -2.48
N VAL C 124 15.14 2.39 -3.03
CA VAL C 124 15.64 2.55 -4.39
C VAL C 124 17.03 1.92 -4.53
N TRP C 125 17.88 2.12 -3.52
CA TRP C 125 19.22 1.55 -3.54
C TRP C 125 19.19 0.03 -3.59
N ILE C 126 18.48 -0.61 -2.65
CA ILE C 126 18.46 -2.06 -2.59
C ILE C 126 17.80 -2.65 -3.83
N ARG C 127 17.02 -1.85 -4.56
CA ARG C 127 16.40 -2.33 -5.78
C ARG C 127 17.23 -2.05 -7.03
N THR C 128 18.08 -1.04 -6.99
CA THR C 128 18.96 -0.75 -8.11
C THR C 128 20.03 -1.83 -8.24
N PRO C 129 20.43 -2.16 -9.46
CA PRO C 129 21.54 -3.10 -9.62
C PRO C 129 22.83 -2.51 -9.10
N PRO C 130 23.79 -3.35 -8.71
CA PRO C 130 24.97 -2.83 -8.02
C PRO C 130 25.88 -1.98 -8.89
N ALA C 131 26.09 -2.38 -10.14
CA ALA C 131 27.03 -1.68 -11.00
C ALA C 131 26.63 -0.24 -11.27
N TYR C 132 25.42 0.16 -10.88
CA TYR C 132 24.91 1.49 -11.19
C TYR C 132 24.34 2.19 -9.97
N ARG C 133 24.80 1.80 -8.79
CA ARG C 133 24.47 2.46 -7.53
C ARG C 133 25.76 2.74 -6.78
N PRO C 134 25.72 3.66 -5.82
CA PRO C 134 26.84 3.80 -4.90
C PRO C 134 27.09 2.49 -4.18
N PRO C 135 28.36 2.09 -4.03
CA PRO C 135 28.64 0.73 -3.56
C PRO C 135 28.32 0.50 -2.09
N ASN C 136 28.29 1.54 -1.28
CA ASN C 136 28.08 1.42 0.15
C ASN C 136 26.62 1.73 0.49
N ALA C 137 26.02 0.87 1.30
CA ALA C 137 24.63 1.04 1.68
C ALA C 137 24.44 2.36 2.44
N PRO C 138 23.30 3.02 2.24
CA PRO C 138 23.03 4.23 3.02
C PRO C 138 22.99 3.93 4.51
N ILE C 139 23.60 4.80 5.29
CA ILE C 139 23.64 4.68 6.74
C ILE C 139 23.12 5.99 7.31
N LEU C 140 22.39 5.89 8.40
CA LEU C 140 21.76 7.02 9.05
C LEU C 140 22.63 7.42 10.25
N SER C 141 23.14 8.67 10.24
CA SER C 141 24.19 9.07 11.16
C SER C 141 23.99 10.49 11.65
N THR C 142 24.65 10.79 12.77
CA THR C 142 24.61 12.11 13.41
C THR C 142 25.88 12.92 13.20
N LEU C 143 27.04 12.28 13.24
CA LEU C 143 28.32 12.94 13.03
C LEU C 143 28.31 13.89 11.84
N MET D 1 13.02 -0.92 31.56
CA MET D 1 12.37 0.40 31.71
C MET D 1 10.94 0.25 32.22
N ASP D 2 10.56 1.14 33.13
CA ASP D 2 9.26 1.08 33.79
C ASP D 2 8.44 2.28 33.36
N ILE D 3 7.48 2.04 32.46
CA ILE D 3 6.61 3.09 31.94
C ILE D 3 5.21 2.90 32.50
N ASP D 4 4.62 4.00 32.95
CA ASP D 4 3.22 4.04 33.34
C ASP D 4 2.42 4.70 32.23
N PRO D 5 1.41 4.05 31.65
CA PRO D 5 0.71 4.65 30.51
C PRO D 5 -0.11 5.87 30.86
N TYR D 6 -0.36 6.14 32.15
CA TYR D 6 -1.19 7.26 32.56
C TYR D 6 -0.40 8.40 33.17
N LYS D 7 0.81 8.16 33.63
CA LYS D 7 1.64 9.21 34.19
C LYS D 7 1.83 10.34 33.20
N GLU D 8 1.84 10.02 31.91
CA GLU D 8 1.95 11.02 30.86
C GLU D 8 0.69 11.87 30.76
N PHE D 9 -0.44 11.39 31.27
CA PHE D 9 -1.72 12.08 31.14
C PHE D 9 -2.21 12.65 32.46
N GLY D 10 -1.54 12.37 33.57
CA GLY D 10 -1.88 12.96 34.84
C GLY D 10 -2.45 12.01 35.85
N ALA D 11 -2.29 10.70 35.64
CA ALA D 11 -2.88 9.69 36.50
C ALA D 11 -1.84 8.62 36.75
N THR D 12 -2.27 7.49 37.28
CA THR D 12 -1.38 6.39 37.59
C THR D 12 -2.21 5.13 37.80
N VAL D 13 -1.52 4.00 37.86
CA VAL D 13 -2.19 2.72 38.02
C VAL D 13 -2.80 2.59 39.41
N GLU D 14 -2.35 3.39 40.36
CA GLU D 14 -2.96 3.40 41.68
C GLU D 14 -4.27 4.15 41.67
N LEU D 15 -4.29 5.31 41.02
CA LEU D 15 -5.52 6.10 40.92
C LEU D 15 -6.60 5.33 40.20
N LEU D 16 -6.26 4.69 39.07
CA LEU D 16 -7.20 3.83 38.37
C LEU D 16 -7.41 2.49 39.04
N SER D 17 -6.79 2.24 40.18
CA SER D 17 -7.11 1.04 40.95
C SER D 17 -8.16 1.32 42.00
N PHE D 18 -8.57 2.57 42.16
CA PHE D 18 -9.74 2.89 42.95
C PHE D 18 -10.97 2.20 42.37
N LEU D 19 -11.10 2.21 41.06
CA LEU D 19 -12.17 1.50 40.40
C LEU D 19 -11.90 -0.01 40.44
N PRO D 20 -12.89 -0.83 40.78
CA PRO D 20 -12.66 -2.27 40.79
C PRO D 20 -12.50 -2.82 39.38
N SER D 21 -12.18 -4.11 39.33
CA SER D 21 -11.98 -4.78 38.06
C SER D 21 -13.29 -5.00 37.33
N ASP D 22 -14.35 -5.36 38.06
CA ASP D 22 -15.66 -5.58 37.47
C ASP D 22 -16.36 -4.28 37.10
N PHE D 23 -15.72 -3.13 37.32
CA PHE D 23 -16.34 -1.86 36.96
C PHE D 23 -16.21 -1.57 35.48
N PHE D 24 -15.15 -2.03 34.86
CA PHE D 24 -14.83 -1.56 33.54
C PHE D 24 -15.66 -2.29 32.49
N PRO D 25 -16.12 -1.59 31.46
CA PRO D 25 -16.97 -2.24 30.46
C PRO D 25 -16.18 -3.23 29.62
N SER D 26 -16.93 -4.01 28.86
CA SER D 26 -16.33 -4.98 27.95
C SER D 26 -15.50 -4.26 26.90
N VAL D 27 -14.44 -4.93 26.45
CA VAL D 27 -13.57 -4.37 25.43
C VAL D 27 -14.34 -4.13 24.15
N ARG D 28 -15.29 -5.02 23.84
CA ARG D 28 -16.13 -4.82 22.66
C ARG D 28 -16.96 -3.55 22.76
N ASP D 29 -17.56 -3.30 23.92
CA ASP D 29 -18.36 -2.09 24.09
C ASP D 29 -17.50 -0.84 24.04
N LEU D 30 -16.31 -0.90 24.63
CA LEU D 30 -15.43 0.26 24.60
C LEU D 30 -14.93 0.55 23.20
N LEU D 31 -14.63 -0.49 22.43
CA LEU D 31 -14.24 -0.29 21.04
C LEU D 31 -15.39 0.24 20.20
N ASP D 32 -16.60 -0.27 20.41
CA ASP D 32 -17.78 0.29 19.76
C ASP D 32 -17.92 1.78 20.04
N THR D 33 -17.77 2.17 21.29
CA THR D 33 -17.84 3.57 21.66
C THR D 33 -16.73 4.38 20.97
N ALA D 34 -15.51 3.85 20.99
CA ALA D 34 -14.40 4.53 20.35
C ALA D 34 -14.69 4.78 18.88
N SER D 35 -15.13 3.74 18.18
CA SER D 35 -15.53 3.90 16.80
C SER D 35 -16.57 5.00 16.70
N ALA D 36 -17.74 4.75 17.27
CA ALA D 36 -18.86 5.68 17.22
C ALA D 36 -18.43 7.13 17.33
N LEU D 37 -17.57 7.44 18.30
CA LEU D 37 -17.35 8.83 18.65
C LEU D 37 -16.07 9.43 18.08
N TYR D 38 -15.06 8.62 17.74
CA TYR D 38 -13.78 9.18 17.28
C TYR D 38 -13.17 8.37 16.14
N ARG D 39 -13.99 7.68 15.34
CA ARG D 39 -13.45 6.90 14.23
C ARG D 39 -12.69 7.78 13.25
N GLU D 40 -13.31 8.88 12.84
CA GLU D 40 -12.72 9.69 11.77
C GLU D 40 -11.50 10.45 12.24
N ALA D 41 -11.33 10.59 13.55
CA ALA D 41 -10.14 11.22 14.10
C ALA D 41 -9.04 10.20 14.34
N LEU D 42 -9.42 8.97 14.66
CA LEU D 42 -8.43 7.92 14.86
C LEU D 42 -7.89 7.39 13.55
N GLU D 43 -8.68 7.48 12.47
CA GLU D 43 -8.24 7.08 11.15
C GLU D 43 -7.66 8.24 10.36
N SER D 44 -7.35 9.32 11.02
CA SER D 44 -6.91 10.55 10.38
C SER D 44 -5.40 10.64 10.33
N PRO D 45 -4.85 11.41 9.38
CA PRO D 45 -3.41 11.67 9.33
C PRO D 45 -2.99 12.90 10.13
N GLU D 46 -3.46 13.00 11.37
CA GLU D 46 -3.18 14.15 12.20
C GLU D 46 -2.90 13.70 13.63
N HIS D 47 -1.95 14.37 14.27
CA HIS D 47 -1.79 14.24 15.71
C HIS D 47 -2.93 15.00 16.35
N CYS D 48 -4.09 14.35 16.47
CA CYS D 48 -5.25 15.05 16.99
C CYS D 48 -5.13 15.24 18.49
N SER D 49 -4.49 14.29 19.17
CA SER D 49 -4.25 14.37 20.60
C SER D 49 -3.39 13.20 21.04
N PRO D 50 -2.65 13.34 22.14
CA PRO D 50 -1.95 12.19 22.71
C PRO D 50 -2.89 11.06 23.05
N HIS D 51 -4.12 11.39 23.41
CA HIS D 51 -5.12 10.36 23.67
C HIS D 51 -5.42 9.57 22.41
N HIS D 52 -5.49 10.25 21.26
CA HIS D 52 -5.70 9.56 19.99
C HIS D 52 -4.52 8.67 19.66
N THR D 53 -3.30 9.21 19.77
CA THR D 53 -2.11 8.39 19.58
C THR D 53 -2.16 7.11 20.40
N ALA D 54 -2.35 7.27 21.71
CA ALA D 54 -2.39 6.13 22.62
C ALA D 54 -3.49 5.16 22.26
N LEU D 55 -4.67 5.67 21.91
CA LEU D 55 -5.79 4.79 21.60
C LEU D 55 -5.53 4.00 20.32
N ARG D 56 -4.96 4.63 19.31
CA ARG D 56 -4.55 3.91 18.11
C ARG D 56 -3.59 2.78 18.47
N GLN D 57 -2.52 3.10 19.20
CA GLN D 57 -1.54 2.07 19.54
C GLN D 57 -2.16 0.94 20.33
N ALA D 58 -3.08 1.27 21.25
CA ALA D 58 -3.68 0.25 22.09
C ALA D 58 -4.62 -0.65 21.29
N ILE D 59 -5.42 -0.07 20.42
CA ILE D 59 -6.26 -0.86 19.52
C ILE D 59 -5.40 -1.81 18.70
N LEU D 60 -4.27 -1.33 18.19
CA LEU D 60 -3.40 -2.19 17.41
C LEU D 60 -2.79 -3.32 18.24
N CYS D 61 -2.33 -3.01 19.45
CA CYS D 61 -1.79 -4.05 20.32
C CYS D 61 -2.84 -5.10 20.66
N TRP D 62 -4.06 -4.66 20.96
CA TRP D 62 -5.14 -5.62 21.20
C TRP D 62 -5.38 -6.50 19.99
N GLY D 63 -5.41 -5.90 18.81
CA GLY D 63 -5.52 -6.68 17.60
C GLY D 63 -4.43 -7.73 17.47
N GLU D 64 -3.19 -7.35 17.79
CA GLU D 64 -2.08 -8.29 17.69
C GLU D 64 -2.24 -9.44 18.69
N LEU D 65 -2.63 -9.12 19.92
CA LEU D 65 -2.86 -10.16 20.92
C LEU D 65 -3.95 -11.12 20.47
N MET D 66 -5.06 -10.58 19.97
CA MET D 66 -6.15 -11.43 19.50
C MET D 66 -5.72 -12.27 18.31
N THR D 67 -4.95 -11.68 17.39
CA THR D 67 -4.42 -12.43 16.26
C THR D 67 -3.59 -13.62 16.72
N LEU D 68 -2.66 -13.36 17.64
CA LEU D 68 -1.84 -14.45 18.17
C LEU D 68 -2.71 -15.54 18.77
N ALA D 69 -3.63 -15.17 19.65
CA ALA D 69 -4.44 -16.17 20.34
C ALA D 69 -5.32 -16.94 19.36
N THR D 70 -5.81 -16.28 18.32
CA THR D 70 -6.64 -16.95 17.33
C THR D 70 -5.83 -17.94 16.50
N TRP D 71 -4.71 -17.49 15.93
CA TRP D 71 -3.80 -18.41 15.25
C TRP D 71 -3.49 -19.60 16.14
N VAL D 72 -3.22 -19.35 17.41
CA VAL D 72 -2.93 -20.43 18.35
C VAL D 72 -4.08 -21.41 18.42
N GLY D 73 -5.24 -20.94 18.87
CA GLY D 73 -6.38 -21.81 19.04
C GLY D 73 -6.71 -22.62 17.81
N VAL D 74 -6.57 -22.01 16.63
CA VAL D 74 -6.94 -22.71 15.40
C VAL D 74 -5.85 -23.68 14.97
N ASN D 75 -4.59 -23.44 15.37
CA ASN D 75 -3.52 -24.35 15.00
C ASN D 75 -3.32 -25.47 16.00
N LEU D 76 -3.93 -25.37 17.18
CA LEU D 76 -3.86 -26.43 18.16
C LEU D 76 -4.97 -27.45 17.95
N GLU D 77 -4.75 -28.66 18.48
CA GLU D 77 -5.72 -29.74 18.41
C GLU D 77 -6.43 -30.01 19.72
N ASP D 78 -5.99 -29.38 20.82
CA ASP D 78 -6.58 -29.60 22.13
C ASP D 78 -7.50 -28.44 22.46
N PRO D 79 -8.82 -28.61 22.40
CA PRO D 79 -9.74 -27.53 22.80
C PRO D 79 -10.08 -27.49 24.28
N ALA D 80 -9.32 -28.16 25.14
CA ALA D 80 -9.64 -28.17 26.57
C ALA D 80 -8.97 -27.02 27.31
N SER D 81 -7.66 -26.85 27.15
CA SER D 81 -6.94 -25.74 27.75
C SER D 81 -7.23 -24.41 27.07
N ARG D 82 -7.96 -24.43 25.94
CA ARG D 82 -8.43 -23.21 25.31
C ARG D 82 -9.37 -22.43 26.20
N ASP D 83 -9.80 -23.01 27.33
CA ASP D 83 -10.57 -22.26 28.32
C ASP D 83 -9.66 -21.48 29.24
N LEU D 84 -8.60 -22.14 29.73
CA LEU D 84 -7.65 -21.46 30.60
C LEU D 84 -6.88 -20.37 29.86
N VAL D 85 -6.64 -20.56 28.56
CA VAL D 85 -5.90 -19.54 27.81
C VAL D 85 -6.69 -18.24 27.78
N VAL D 86 -7.98 -18.33 27.45
CA VAL D 86 -8.80 -17.13 27.41
C VAL D 86 -9.01 -16.59 28.82
N SER D 87 -9.14 -17.48 29.80
CA SER D 87 -9.23 -17.02 31.19
C SER D 87 -8.05 -16.12 31.53
N TYR D 88 -6.83 -16.58 31.25
CA TYR D 88 -5.65 -15.78 31.56
C TYR D 88 -5.62 -14.50 30.73
N VAL D 89 -5.82 -14.62 29.42
CA VAL D 89 -5.80 -13.45 28.54
C VAL D 89 -6.74 -12.39 29.09
N ASN D 90 -8.00 -12.75 29.28
CA ASN D 90 -8.96 -11.79 29.80
C ASN D 90 -8.45 -11.24 31.12
N THR D 91 -8.40 -12.10 32.14
CA THR D 91 -8.08 -11.68 33.50
C THR D 91 -6.91 -10.72 33.57
N ASN D 92 -5.93 -10.88 32.68
CA ASN D 92 -4.69 -10.11 32.78
C ASN D 92 -4.64 -8.93 31.82
N MET D 93 -4.76 -9.18 30.53
CA MET D 93 -4.61 -8.13 29.52
C MET D 93 -5.93 -7.44 29.21
N GLY D 94 -7.05 -8.14 29.25
CA GLY D 94 -8.31 -7.49 28.98
C GLY D 94 -8.61 -6.40 29.99
N LEU D 95 -8.27 -6.65 31.25
CA LEU D 95 -8.45 -5.64 32.27
C LEU D 95 -7.56 -4.42 32.01
N LYS D 96 -6.30 -4.65 31.68
CA LYS D 96 -5.40 -3.55 31.35
C LYS D 96 -5.97 -2.72 30.21
N PHE D 97 -6.41 -3.39 29.15
CA PHE D 97 -6.86 -2.68 27.96
C PHE D 97 -8.22 -2.03 28.18
N ARG D 98 -9.05 -2.60 29.03
CA ARG D 98 -10.30 -1.96 29.41
C ARG D 98 -10.05 -0.69 30.21
N GLN D 99 -9.20 -0.80 31.24
CA GLN D 99 -8.76 0.37 31.98
C GLN D 99 -8.25 1.46 31.04
N LEU D 100 -7.45 1.06 30.05
CA LEU D 100 -6.80 2.02 29.16
C LEU D 100 -7.81 2.68 28.23
N LEU D 101 -8.58 1.87 27.50
CA LEU D 101 -9.61 2.39 26.64
C LEU D 101 -10.56 3.29 27.39
N TRP D 102 -11.02 2.84 28.56
CA TRP D 102 -11.90 3.65 29.39
C TRP D 102 -11.27 4.99 29.69
N PHE D 103 -10.03 4.99 30.20
CA PHE D 103 -9.40 6.25 30.56
C PHE D 103 -9.33 7.20 29.38
N HIS D 104 -8.92 6.69 28.21
CA HIS D 104 -8.72 7.56 27.06
C HIS D 104 -10.05 8.08 26.53
N ILE D 105 -11.04 7.20 26.36
CA ILE D 105 -12.35 7.63 25.87
C ILE D 105 -12.99 8.62 26.84
N SER D 106 -12.88 8.36 28.13
CA SER D 106 -13.49 9.24 29.13
C SER D 106 -12.79 10.59 29.21
N CYS D 107 -11.46 10.61 29.08
CA CYS D 107 -10.75 11.88 29.12
C CYS D 107 -10.86 12.65 27.82
N LEU D 108 -11.23 11.97 26.74
CA LEU D 108 -11.59 12.66 25.51
C LEU D 108 -12.99 13.25 25.59
N THR D 109 -13.94 12.47 26.10
CA THR D 109 -15.33 12.89 26.16
C THR D 109 -15.56 13.94 27.24
N PHE D 110 -15.05 13.70 28.44
CA PHE D 110 -15.37 14.50 29.61
C PHE D 110 -14.26 15.43 30.06
N GLY D 111 -13.00 15.03 29.91
CA GLY D 111 -11.90 15.85 30.34
C GLY D 111 -11.06 15.27 31.47
N ARG D 112 -9.82 15.75 31.55
CA ARG D 112 -8.89 15.29 32.56
C ARG D 112 -9.36 15.67 33.97
N GLU D 113 -9.68 16.94 34.15
CA GLU D 113 -10.21 17.40 35.43
C GLU D 113 -11.38 16.53 35.89
N THR D 114 -12.35 16.31 34.99
CA THR D 114 -13.54 15.56 35.35
C THR D 114 -13.20 14.12 35.68
N VAL D 115 -12.29 13.51 34.94
CA VAL D 115 -12.00 12.08 35.13
C VAL D 115 -11.21 11.87 36.41
N ILE D 116 -10.30 12.79 36.73
CA ILE D 116 -9.55 12.68 37.98
C ILE D 116 -10.48 12.86 39.17
N GLU D 117 -11.34 13.88 39.12
CA GLU D 117 -12.32 14.07 40.18
C GLU D 117 -13.24 12.86 40.31
N TYR D 118 -13.64 12.28 39.19
CA TYR D 118 -14.47 11.09 39.22
C TYR D 118 -13.75 9.95 39.93
N LEU D 119 -12.46 9.76 39.63
CA LEU D 119 -11.70 8.69 40.27
C LEU D 119 -11.65 8.90 41.77
N VAL D 120 -11.37 10.12 42.19
CA VAL D 120 -11.29 10.43 43.63
C VAL D 120 -12.63 10.16 44.31
N SER D 121 -13.71 10.71 43.74
CA SER D 121 -15.03 10.59 44.34
C SER D 121 -15.53 9.15 44.35
N PHE D 122 -15.23 8.39 43.32
CA PHE D 122 -15.61 6.98 43.31
C PHE D 122 -14.78 6.19 44.29
N GLY D 123 -13.52 6.59 44.51
CA GLY D 123 -12.77 5.98 45.58
C GLY D 123 -13.40 6.23 46.93
N VAL D 124 -13.88 7.44 47.16
CA VAL D 124 -14.63 7.72 48.38
C VAL D 124 -15.84 6.79 48.48
N TRP D 125 -16.68 6.82 47.46
CA TRP D 125 -17.89 6.00 47.45
C TRP D 125 -17.61 4.53 47.74
N ILE D 126 -16.52 3.99 47.18
CA ILE D 126 -16.28 2.56 47.31
C ILE D 126 -15.49 2.23 48.57
N ARG D 127 -14.68 3.16 49.08
CA ARG D 127 -14.07 2.99 50.38
C ARG D 127 -15.13 2.98 51.47
N THR D 128 -16.19 3.76 51.28
CA THR D 128 -17.24 3.84 52.27
C THR D 128 -17.92 2.48 52.44
N PRO D 129 -18.18 2.03 53.66
CA PRO D 129 -18.88 0.78 53.84
C PRO D 129 -20.30 0.85 53.30
N PRO D 130 -20.89 -0.29 52.93
CA PRO D 130 -22.20 -0.27 52.27
C PRO D 130 -23.30 0.32 53.14
N ALA D 131 -23.19 0.21 54.47
CA ALA D 131 -24.23 0.71 55.34
C ALA D 131 -24.31 2.23 55.36
N TYR D 132 -23.36 2.93 54.73
CA TYR D 132 -23.34 4.38 54.78
C TYR D 132 -23.03 5.02 53.43
N ARG D 133 -23.04 4.25 52.33
CA ARG D 133 -22.79 4.88 51.05
C ARG D 133 -24.09 4.95 50.25
N PRO D 134 -24.38 6.08 49.63
CA PRO D 134 -25.62 6.23 48.88
C PRO D 134 -25.73 5.18 47.79
N PRO D 135 -26.91 5.06 47.18
CA PRO D 135 -27.05 4.13 46.05
C PRO D 135 -26.69 4.80 44.73
N ASN D 136 -26.76 6.12 44.69
CA ASN D 136 -26.45 6.88 43.49
C ASN D 136 -24.94 7.16 43.48
N ALA D 137 -24.20 6.16 43.01
CA ALA D 137 -22.78 6.29 42.84
C ALA D 137 -22.44 7.46 41.93
N PRO D 138 -21.19 7.91 41.95
CA PRO D 138 -20.77 8.93 40.99
C PRO D 138 -20.82 8.37 39.58
N ILE D 139 -21.34 9.18 38.67
CA ILE D 139 -21.51 8.81 37.27
C ILE D 139 -20.88 9.91 36.44
N LEU D 140 -20.17 9.50 35.41
CA LEU D 140 -19.47 10.43 34.53
C LEU D 140 -20.41 10.80 33.39
N SER D 141 -20.76 12.08 33.28
CA SER D 141 -21.87 12.48 32.43
C SER D 141 -21.76 13.94 32.08
N THR D 142 -22.45 14.30 30.99
CA THR D 142 -22.59 15.68 30.53
C THR D 142 -23.88 16.34 30.98
N LEU D 143 -24.85 15.57 31.47
CA LEU D 143 -26.13 16.12 31.87
C LEU D 143 -26.16 16.46 33.34
N SER E 1 7.53 -24.58 -29.99
CA SER E 1 6.15 -24.75 -30.41
C SER E 1 5.42 -25.75 -29.52
N LEU E 2 4.11 -25.59 -29.40
CA LEU E 2 3.31 -26.49 -28.57
C LEU E 2 1.84 -26.39 -28.91
N LEU E 3 1.00 -27.04 -28.10
CA LEU E 3 -0.45 -26.98 -28.28
C LEU E 3 -1.10 -27.65 -27.09
N GLY E 4 -2.21 -27.08 -26.64
CA GLY E 4 -2.96 -27.64 -25.52
C GLY E 4 -4.21 -26.80 -25.30
N ARG E 5 -5.21 -27.42 -24.70
CA ARG E 5 -6.49 -26.77 -24.45
C ARG E 5 -7.00 -26.05 -25.69
N SER F 1 1.37 -28.12 17.09
CA SER F 1 -0.09 -28.13 17.05
C SER F 1 -0.67 -29.00 18.16
N LEU F 2 0.15 -29.25 19.19
CA LEU F 2 -0.25 -30.05 20.33
C LEU F 2 -0.13 -29.21 21.60
N LEU F 3 -0.98 -29.51 22.58
CA LEU F 3 -1.12 -28.67 23.76
C LEU F 3 -0.99 -29.49 25.03
N GLY F 4 -0.67 -28.79 26.11
CA GLY F 4 -0.64 -29.35 27.45
C GLY F 4 -0.98 -28.26 28.44
N ARG F 5 -1.66 -28.63 29.52
CA ARG F 5 -2.05 -27.69 30.57
C ARG F 5 -2.82 -26.52 29.98
#